data_6VRZ
#
_entry.id   6VRZ
#
_cell.length_a   95.048
_cell.length_b   65.215
_cell.length_c   111.462
_cell.angle_alpha   90.000
_cell.angle_beta   111.320
_cell.angle_gamma   90.000
#
_symmetry.space_group_name_H-M   'C 1 2 1'
#
loop_
_entity.id
_entity.type
_entity.pdbx_description
1 polymer 'Multidrug transporter MdfA'
2 non-polymer CHLORAMPHENICOL
3 non-polymer 'PRASEODYMIUM ION'
4 water water
#
_entity_poly.entity_id   1
_entity_poly.type   'polypeptide(L)'
_entity_poly.pdbx_seq_one_letter_code
;QALLFPLCLVLYTFSTYIGNMMIQPGMLAVVEQYQAGIDWVPTSMTAYLAGGMFLQWLLGPLSDRIGRRPVMLAGVVWFI
VTCLAILLAQNIEQFTLLRFLQGISLCFIGAVGYAAIQESFEEAVCIKITALMANVELIAPLLGPLVGAAWIHVLPWEGM
FVLFAALAAISFFGLQRAMPETATRIGEKLSLKELGRDYKLVLKNGRFVAGALALGFVSLPLLAWIAQSPIIIITGEQLS
SYEYGLLQVPIFGALIAGNLLLARLTSRRTVRSLIIMGGWPIMIGLLVAAAATVISSHAYLWMTAGLSIYAFGIGLANAG
LVRLTLFASDMSKGTVSAAMGMLQMLIFTVGIEISKHAWLNGGNGLFNLFNLVNGILWLSLMVIFLK
;
_entity_poly.pdbx_strand_id   A
#
loop_
_chem_comp.id
_chem_comp.type
_chem_comp.name
_chem_comp.formula
CLM non-polymer CHLORAMPHENICOL 'C11 H12 Cl2 N2 O5'
PR non-polymer 'PRASEODYMIUM ION' 'Pr 3'
#
# COMPACT_ATOMS: atom_id res chain seq x y z
N GLN A 1 30.56 7.41 -4.47
CA GLN A 1 31.08 6.08 -4.94
C GLN A 1 30.44 4.90 -4.19
N ALA A 2 29.73 5.20 -3.11
CA ALA A 2 29.06 4.18 -2.30
C ALA A 2 27.55 4.42 -2.18
N LEU A 3 26.93 4.74 -3.32
CA LEU A 3 25.48 4.93 -3.41
C LEU A 3 24.73 3.62 -3.65
N LEU A 4 25.47 2.50 -3.62
CA LEU A 4 24.90 1.16 -3.77
C LEU A 4 23.86 0.87 -2.70
N PHE A 5 24.03 1.46 -1.52
CA PHE A 5 23.16 1.20 -0.38
C PHE A 5 21.72 1.71 -0.58
N PRO A 6 21.52 3.03 -0.78
CA PRO A 6 20.15 3.51 -1.00
C PRO A 6 19.54 2.99 -2.31
N LEU A 7 20.40 2.68 -3.29
CA LEU A 7 19.95 2.18 -4.58
C LEU A 7 19.35 0.79 -4.45
N CYS A 8 20.00 -0.07 -3.67
CA CYS A 8 19.51 -1.44 -3.47
C CYS A 8 18.28 -1.50 -2.57
N LEU A 9 18.15 -0.54 -1.65
CA LEU A 9 16.92 -0.43 -0.85
C LEU A 9 15.72 -0.07 -1.73
N VAL A 10 15.94 0.79 -2.72
CA VAL A 10 14.89 1.14 -3.69
C VAL A 10 14.46 -0.09 -4.49
N LEU A 11 15.43 -0.87 -4.95
CA LEU A 11 15.15 -2.11 -5.69
C LEU A 11 14.32 -3.11 -4.88
N TYR A 12 14.70 -3.33 -3.62
CA TYR A 12 13.93 -4.18 -2.70
C TYR A 12 12.50 -3.65 -2.47
N THR A 13 12.36 -2.34 -2.26
CA THR A 13 11.06 -1.70 -2.06
C THR A 13 10.16 -1.93 -3.28
N PHE A 14 10.72 -1.70 -4.47
CA PHE A 14 10.05 -1.93 -5.74
C PHE A 14 9.55 -3.37 -5.90
N SER A 15 10.37 -4.34 -5.50
CA SER A 15 10.01 -5.76 -5.62
C SER A 15 8.88 -6.19 -4.69
N THR A 16 8.85 -5.68 -3.45
CA THR A 16 7.73 -5.99 -2.55
C THR A 16 6.41 -5.36 -3.02
N TYR A 17 6.51 -4.27 -3.79
CA TYR A 17 5.33 -3.54 -4.25
C TYR A 17 4.66 -4.25 -5.43
N ILE A 18 5.46 -4.72 -6.38
CA ILE A 18 4.95 -5.59 -7.44
C ILE A 18 4.60 -6.99 -6.90
N GLY A 19 5.16 -7.33 -5.74
CA GLY A 19 4.74 -8.51 -5.00
C GLY A 19 3.24 -8.49 -4.73
N ASN A 20 2.65 -7.29 -4.72
CA ASN A 20 1.19 -7.16 -4.69
C ASN A 20 0.58 -6.82 -6.06
N MET A 21 1.07 -5.75 -6.69
CA MET A 21 0.45 -5.15 -7.88
C MET A 21 0.43 -6.04 -9.13
N MET A 22 1.50 -6.80 -9.34
CA MET A 22 1.57 -7.73 -10.47
C MET A 22 0.72 -8.97 -10.22
N ILE A 23 0.61 -9.37 -8.96
CA ILE A 23 -0.12 -10.59 -8.56
C ILE A 23 -1.64 -10.52 -8.79
N GLN A 24 -2.25 -9.38 -8.49
CA GLN A 24 -3.73 -9.27 -8.60
C GLN A 24 -4.34 -9.70 -9.95
N PRO A 25 -3.82 -9.20 -11.09
CA PRO A 25 -4.34 -9.70 -12.37
C PRO A 25 -4.04 -11.17 -12.60
N GLY A 26 -2.97 -11.68 -11.99
CA GLY A 26 -2.65 -13.10 -12.09
C GLY A 26 -3.54 -13.99 -11.24
N MET A 27 -4.29 -13.39 -10.31
CA MET A 27 -5.11 -14.17 -9.37
C MET A 27 -6.24 -14.97 -10.02
N LEU A 28 -6.70 -14.51 -11.17
CA LEU A 28 -7.72 -15.26 -11.91
C LEU A 28 -7.17 -16.60 -12.43
N ALA A 29 -5.89 -16.60 -12.81
CA ALA A 29 -5.19 -17.82 -13.21
C ALA A 29 -4.95 -18.72 -11.99
N VAL A 30 -4.63 -18.12 -10.85
CA VAL A 30 -4.39 -18.85 -9.61
C VAL A 30 -5.62 -19.65 -9.15
N VAL A 31 -6.79 -19.00 -9.08
CA VAL A 31 -8.01 -19.68 -8.58
C VAL A 31 -8.54 -20.75 -9.54
N GLU A 32 -8.40 -20.52 -10.84
CA GLU A 32 -8.71 -21.52 -11.86
C GLU A 32 -7.83 -22.77 -11.70
N GLN A 33 -6.54 -22.54 -11.43
CA GLN A 33 -5.57 -23.63 -11.23
C GLN A 33 -5.86 -24.47 -9.97
N TYR A 34 -6.41 -23.83 -8.94
CA TYR A 34 -6.78 -24.53 -7.70
C TYR A 34 -8.25 -24.93 -7.68
N GLN A 35 -8.99 -24.50 -8.70
CA GLN A 35 -10.46 -24.69 -8.78
C GLN A 35 -11.19 -24.11 -7.56
N ALA A 36 -10.80 -22.88 -7.21
CA ALA A 36 -11.38 -22.14 -6.11
C ALA A 36 -12.28 -21.05 -6.67
N GLY A 37 -13.24 -20.59 -5.87
CA GLY A 37 -14.17 -19.54 -6.28
C GLY A 37 -13.50 -18.18 -6.41
N ILE A 38 -14.15 -17.28 -7.14
CA ILE A 38 -13.66 -15.91 -7.37
C ILE A 38 -13.53 -15.07 -6.10
N ASP A 39 -14.25 -15.46 -5.03
CA ASP A 39 -14.15 -14.79 -3.74
C ASP A 39 -12.74 -14.82 -3.13
N TRP A 40 -11.88 -15.72 -3.61
CA TRP A 40 -10.49 -15.79 -3.15
C TRP A 40 -9.55 -14.77 -3.81
N VAL A 41 -9.99 -14.14 -4.89
CA VAL A 41 -9.15 -13.15 -5.59
C VAL A 41 -8.80 -11.93 -4.71
N PRO A 42 -9.81 -11.21 -4.16
CA PRO A 42 -9.48 -10.05 -3.29
C PRO A 42 -8.73 -10.44 -2.03
N THR A 43 -8.98 -11.65 -1.53
CA THR A 43 -8.38 -12.16 -0.30
C THR A 43 -6.85 -12.33 -0.36
N SER A 44 -6.32 -12.56 -1.55
CA SER A 44 -4.87 -12.60 -1.74
C SER A 44 -4.23 -11.29 -1.26
N MET A 45 -4.82 -10.16 -1.65
CA MET A 45 -4.34 -8.85 -1.25
C MET A 45 -4.56 -8.58 0.25
N THR A 46 -5.73 -8.97 0.76
CA THR A 46 -6.06 -8.85 2.18
C THR A 46 -4.97 -9.50 3.06
N ALA A 47 -4.62 -10.75 2.74
CA ALA A 47 -3.59 -11.48 3.48
C ALA A 47 -2.22 -10.80 3.41
N TYR A 48 -1.83 -10.39 2.20
CA TYR A 48 -0.57 -9.65 1.98
C TYR A 48 -0.44 -8.41 2.86
N LEU A 49 -1.50 -7.60 2.91
CA LEU A 49 -1.51 -6.38 3.72
C LEU A 49 -1.57 -6.64 5.22
N ALA A 50 -2.30 -7.68 5.62
CA ALA A 50 -2.36 -8.11 7.02
C ALA A 50 -0.97 -8.52 7.53
N GLY A 51 -0.20 -9.22 6.69
CA GLY A 51 1.20 -9.54 7.01
C GLY A 51 2.03 -8.29 7.16
N GLY A 52 1.77 -7.30 6.31
CA GLY A 52 2.43 -5.99 6.39
C GLY A 52 2.25 -5.21 7.70
N MET A 53 1.25 -5.57 8.50
CA MET A 53 1.03 -4.88 9.78
C MET A 53 1.42 -5.70 11.00
N PHE A 54 1.81 -6.96 10.77
CA PHE A 54 2.07 -7.93 11.83
C PHE A 54 3.25 -7.59 12.75
N LEU A 55 4.38 -7.17 12.16
CA LEU A 55 5.59 -6.92 12.95
C LEU A 55 6.03 -5.46 12.94
N GLN A 56 5.24 -4.61 12.29
CA GLN A 56 5.50 -3.18 12.16
C GLN A 56 6.03 -2.55 13.45
N TRP A 57 5.33 -2.80 14.54
CA TRP A 57 5.62 -2.25 15.87
C TRP A 57 6.93 -2.71 16.52
N LEU A 58 7.51 -3.81 16.02
CA LEU A 58 8.66 -4.45 16.66
C LEU A 58 10.02 -4.06 16.05
N LEU A 59 10.08 -4.04 14.72
CA LEU A 59 11.36 -4.05 13.99
C LEU A 59 12.26 -2.83 14.23
N GLY A 60 11.65 -1.66 14.38
CA GLY A 60 12.40 -0.44 14.70
C GLY A 60 13.23 -0.57 15.96
N PRO A 61 12.57 -0.71 17.13
CA PRO A 61 13.29 -0.87 18.40
C PRO A 61 14.26 -2.07 18.41
N LEU A 62 13.88 -3.18 17.78
CA LEU A 62 14.74 -4.37 17.73
C LEU A 62 16.01 -4.15 16.92
N SER A 63 15.90 -3.54 15.74
CA SER A 63 17.06 -3.26 14.89
C SER A 63 17.97 -2.19 15.50
N ASP A 64 17.39 -1.30 16.30
CA ASP A 64 18.14 -0.30 17.03
C ASP A 64 19.05 -0.93 18.10
N ARG A 65 18.68 -2.14 18.53
CA ARG A 65 19.35 -2.84 19.63
C ARG A 65 20.33 -3.92 19.18
N ILE A 66 20.04 -4.56 18.04
CA ILE A 66 20.87 -5.65 17.55
C ILE A 66 21.58 -5.33 16.24
N GLY A 67 21.20 -4.22 15.62
CA GLY A 67 21.82 -3.78 14.37
C GLY A 67 20.86 -3.68 13.20
N ARG A 68 20.98 -2.59 12.44
CA ARG A 68 20.18 -2.37 11.24
C ARG A 68 20.59 -3.33 10.13
N ARG A 69 21.89 -3.65 10.06
CA ARG A 69 22.41 -4.60 9.07
C ARG A 69 21.77 -5.99 9.14
N PRO A 70 21.93 -6.71 10.27
CA PRO A 70 21.40 -8.09 10.34
C PRO A 70 19.87 -8.20 10.20
N VAL A 71 19.14 -7.22 10.74
CA VAL A 71 17.68 -7.21 10.66
C VAL A 71 17.18 -6.97 9.24
N MET A 72 17.75 -5.97 8.56
CA MET A 72 17.36 -5.63 7.19
C MET A 72 17.67 -6.79 6.23
N LEU A 73 18.88 -7.35 6.36
CA LEU A 73 19.30 -8.48 5.55
C LEU A 73 18.43 -9.71 5.78
N ALA A 74 18.02 -9.92 7.03
CA ALA A 74 17.12 -11.02 7.40
C ALA A 74 15.76 -10.91 6.70
N GLY A 75 15.22 -9.69 6.63
CA GLY A 75 13.94 -9.44 5.97
C GLY A 75 13.98 -9.73 4.47
N VAL A 76 15.07 -9.32 3.83
CA VAL A 76 15.29 -9.55 2.42
C VAL A 76 15.30 -11.06 2.12
N VAL A 77 15.99 -11.82 2.96
CA VAL A 77 16.08 -13.28 2.86
C VAL A 77 14.70 -13.92 3.05
N TRP A 78 14.01 -13.50 4.11
CA TRP A 78 12.64 -13.95 4.36
C TRP A 78 11.71 -13.78 3.14
N PHE A 79 11.80 -12.63 2.47
CA PHE A 79 11.01 -12.37 1.26
C PHE A 79 11.39 -13.36 0.15
N ILE A 80 12.69 -13.54 -0.06
CA ILE A 80 13.22 -14.50 -1.04
C ILE A 80 12.61 -15.90 -0.80
N VAL A 81 12.74 -16.40 0.44
CA VAL A 81 12.25 -17.74 0.80
C VAL A 81 10.74 -17.92 0.64
N THR A 82 9.96 -16.99 1.16
CA THR A 82 8.49 -17.07 1.09
C THR A 82 7.96 -16.91 -0.35
N CYS A 83 8.68 -16.14 -1.18
CA CYS A 83 8.33 -16.03 -2.61
C CYS A 83 8.48 -17.36 -3.33
N LEU A 84 9.56 -18.08 -3.03
CA LEU A 84 9.80 -19.39 -3.63
C LEU A 84 8.89 -20.47 -3.04
N ALA A 85 8.59 -20.35 -1.74
CA ALA A 85 7.81 -21.37 -1.03
C ALA A 85 6.36 -21.51 -1.51
N ILE A 86 5.78 -20.41 -2.01
CA ILE A 86 4.38 -20.41 -2.48
C ILE A 86 4.15 -21.31 -3.70
N LEU A 87 5.21 -21.58 -4.45
CA LEU A 87 5.20 -22.54 -5.55
C LEU A 87 4.74 -23.94 -5.12
N LEU A 88 4.88 -24.24 -3.82
CA LEU A 88 4.55 -25.56 -3.27
C LEU A 88 3.17 -25.63 -2.60
N ALA A 89 2.41 -24.54 -2.62
CA ALA A 89 1.06 -24.52 -2.03
C ALA A 89 0.12 -25.47 -2.78
N GLN A 90 -0.61 -26.29 -2.04
CA GLN A 90 -1.48 -27.33 -2.62
C GLN A 90 -2.95 -26.96 -2.76
N ASN A 91 -3.39 -25.97 -1.97
CA ASN A 91 -4.73 -25.40 -2.14
C ASN A 91 -4.73 -23.88 -1.93
N ILE A 92 -5.88 -23.25 -2.23
CA ILE A 92 -6.01 -21.80 -2.12
C ILE A 92 -5.78 -21.29 -0.69
N GLU A 93 -6.13 -22.12 0.30
CA GLU A 93 -5.90 -21.80 1.70
C GLU A 93 -4.40 -21.65 2.01
N GLN A 94 -3.61 -22.59 1.49
CA GLN A 94 -2.15 -22.58 1.69
C GLN A 94 -1.49 -21.42 0.95
N PHE A 95 -1.97 -21.16 -0.27
CA PHE A 95 -1.55 -20.03 -1.07
C PHE A 95 -1.75 -18.72 -0.31
N THR A 96 -2.92 -18.58 0.33
CA THR A 96 -3.31 -17.36 1.05
C THR A 96 -2.48 -17.17 2.33
N LEU A 97 -2.16 -18.27 3.01
CA LEU A 97 -1.26 -18.22 4.15
C LEU A 97 0.12 -17.67 3.76
N LEU A 98 0.62 -18.09 2.60
CA LEU A 98 1.97 -17.67 2.17
C LEU A 98 2.02 -16.22 1.71
N ARG A 99 0.92 -15.74 1.13
CA ARG A 99 0.71 -14.31 0.87
C ARG A 99 0.88 -13.49 2.17
N PHE A 100 0.25 -13.96 3.25
CA PHE A 100 0.42 -13.35 4.58
C PHE A 100 1.89 -13.34 5.03
N LEU A 101 2.57 -14.48 4.92
CA LEU A 101 3.98 -14.59 5.28
C LEU A 101 4.90 -13.69 4.43
N GLN A 102 4.61 -13.62 3.12
CA GLN A 102 5.32 -12.69 2.23
C GLN A 102 5.16 -11.23 2.66
N GLY A 103 3.93 -10.85 3.02
CA GLY A 103 3.60 -9.48 3.40
C GLY A 103 4.36 -8.93 4.59
N ILE A 104 4.82 -9.82 5.47
CA ILE A 104 5.66 -9.45 6.62
C ILE A 104 6.92 -8.67 6.18
N SER A 105 7.41 -8.97 4.99
CA SER A 105 8.58 -8.30 4.40
C SER A 105 8.38 -6.80 4.22
N LEU A 106 7.14 -6.36 4.06
CA LEU A 106 6.80 -4.94 3.95
C LEU A 106 7.22 -4.12 5.18
N CYS A 107 7.21 -4.75 6.36
CA CYS A 107 7.52 -4.06 7.62
C CYS A 107 8.97 -3.57 7.73
N PHE A 108 9.87 -4.20 6.97
CA PHE A 108 11.31 -3.93 7.07
C PHE A 108 11.73 -2.64 6.35
N ILE A 109 10.91 -2.18 5.41
CA ILE A 109 11.25 -1.03 4.55
C ILE A 109 11.30 0.28 5.34
N GLY A 110 10.20 0.61 6.01
CA GLY A 110 10.10 1.84 6.79
C GLY A 110 10.83 1.76 8.12
N ALA A 111 10.53 0.75 8.92
CA ALA A 111 11.04 0.65 10.30
C ALA A 111 12.55 0.44 10.43
N VAL A 112 13.20 -0.14 9.44
CA VAL A 112 14.66 -0.36 9.55
C VAL A 112 15.46 0.17 8.35
N GLY A 113 14.96 -0.09 7.13
CA GLY A 113 15.59 0.43 5.92
C GLY A 113 15.71 1.95 5.89
N TYR A 114 14.57 2.63 5.97
CA TYR A 114 14.52 4.09 5.93
C TYR A 114 15.13 4.75 7.17
N ALA A 115 15.04 4.06 8.31
CA ALA A 115 15.70 4.50 9.52
C ALA A 115 17.22 4.57 9.32
N ALA A 116 17.76 3.61 8.58
CA ALA A 116 19.19 3.56 8.28
C ALA A 116 19.61 4.68 7.30
N ILE A 117 18.73 4.99 6.36
CA ILE A 117 18.94 6.08 5.38
C ILE A 117 19.09 7.44 6.07
N GLN A 118 18.16 7.74 6.98
CA GLN A 118 18.16 9.00 7.74
C GLN A 118 19.38 9.13 8.65
N GLU A 119 19.93 8.00 9.09
CA GLU A 119 21.08 7.98 10.00
C GLU A 119 22.43 8.04 9.29
N SER A 120 22.45 7.75 7.98
CA SER A 120 23.70 7.68 7.21
C SER A 120 24.03 8.97 6.44
N PHE A 121 23.05 9.51 5.71
CA PHE A 121 23.28 10.57 4.74
C PHE A 121 22.88 11.97 5.20
N GLU A 122 23.52 12.97 4.58
CA GLU A 122 23.18 14.38 4.75
C GLU A 122 21.70 14.62 4.48
N GLU A 123 21.10 15.55 5.22
CA GLU A 123 19.68 15.86 5.08
C GLU A 123 19.31 16.30 3.66
N ALA A 124 20.26 16.91 2.96
CA ALA A 124 20.06 17.31 1.56
C ALA A 124 20.03 16.09 0.64
N VAL A 125 20.92 15.13 0.91
CA VAL A 125 20.98 13.89 0.14
C VAL A 125 19.82 12.95 0.52
N CYS A 126 19.34 13.07 1.76
CA CYS A 126 18.18 12.32 2.26
C CYS A 126 16.88 12.66 1.52
N ILE A 127 16.76 13.91 1.05
CA ILE A 127 15.61 14.37 0.27
C ILE A 127 15.59 13.74 -1.12
N LYS A 128 16.78 13.62 -1.73
CA LYS A 128 16.90 13.01 -3.06
C LYS A 128 16.47 11.55 -3.07
N ILE A 129 16.85 10.81 -2.03
CA ILE A 129 16.53 9.39 -1.90
C ILE A 129 15.03 9.19 -1.59
N THR A 130 14.51 10.00 -0.68
CA THR A 130 13.10 9.94 -0.29
C THR A 130 12.16 10.22 -1.46
N ALA A 131 12.52 11.20 -2.29
CA ALA A 131 11.76 11.55 -3.49
C ALA A 131 11.72 10.38 -4.46
N LEU A 132 12.87 9.73 -4.64
CA LEU A 132 13.02 8.57 -5.51
C LEU A 132 12.12 7.40 -5.07
N MET A 133 12.07 7.16 -3.76
CA MET A 133 11.21 6.13 -3.18
C MET A 133 9.73 6.43 -3.38
N ALA A 134 9.37 7.71 -3.28
CA ALA A 134 8.00 8.17 -3.54
C ALA A 134 7.60 7.97 -5.01
N ASN A 135 8.55 8.18 -5.92
CA ASN A 135 8.35 7.92 -7.35
C ASN A 135 8.01 6.45 -7.64
N VAL A 136 8.70 5.55 -6.94
CA VAL A 136 8.48 4.10 -7.09
C VAL A 136 7.07 3.69 -6.64
N GLU A 137 6.64 4.22 -5.50
CA GLU A 137 5.30 3.97 -4.95
C GLU A 137 4.19 4.46 -5.87
N LEU A 138 4.50 5.49 -6.65
CA LEU A 138 3.55 6.10 -7.56
C LEU A 138 3.48 5.33 -8.87
N ILE A 139 4.61 4.73 -9.26
CA ILE A 139 4.73 4.02 -10.53
C ILE A 139 4.25 2.55 -10.46
N ALA A 140 4.39 1.93 -9.30
CA ALA A 140 4.06 0.50 -9.13
C ALA A 140 2.59 0.10 -9.39
N PRO A 141 1.61 0.87 -8.87
CA PRO A 141 0.19 0.51 -9.15
C PRO A 141 -0.27 0.73 -10.60
N LEU A 142 0.49 1.51 -11.37
CA LEU A 142 0.16 1.69 -12.78
C LEU A 142 0.80 0.59 -13.61
N LEU A 143 2.12 0.43 -13.49
CA LEU A 143 2.86 -0.56 -14.26
C LEU A 143 2.55 -2.01 -13.86
N GLY A 144 2.40 -2.24 -12.56
CA GLY A 144 2.09 -3.57 -12.01
C GLY A 144 0.97 -4.35 -12.68
N PRO A 145 -0.26 -3.82 -12.68
CA PRO A 145 -1.35 -4.57 -13.31
C PRO A 145 -1.19 -4.75 -14.81
N LEU A 146 -0.57 -3.77 -15.46
CA LEU A 146 -0.28 -3.84 -16.90
C LEU A 146 0.72 -4.96 -17.21
N VAL A 147 1.85 -4.97 -16.50
CA VAL A 147 2.88 -5.99 -16.68
C VAL A 147 2.36 -7.36 -16.23
N GLY A 148 1.60 -7.37 -15.13
CA GLY A 148 0.96 -8.60 -14.65
C GLY A 148 -0.05 -9.22 -15.61
N ALA A 149 -0.89 -8.40 -16.24
CA ALA A 149 -1.82 -8.89 -17.26
C ALA A 149 -1.10 -9.43 -18.49
N ALA A 150 -0.04 -8.73 -18.92
CA ALA A 150 0.80 -9.19 -20.02
C ALA A 150 1.54 -10.49 -19.69
N TRP A 151 2.03 -10.61 -18.46
CA TRP A 151 2.75 -11.79 -18.00
C TRP A 151 1.91 -13.08 -18.13
N ILE A 152 0.76 -13.14 -17.44
CA ILE A 152 -0.07 -14.37 -17.43
C ILE A 152 -0.72 -14.72 -18.77
N HIS A 153 -0.65 -13.77 -19.70
CA HIS A 153 -1.09 -14.00 -21.07
C HIS A 153 -0.15 -14.98 -21.78
N VAL A 154 1.10 -15.06 -21.32
CA VAL A 154 2.13 -15.91 -21.95
C VAL A 154 2.92 -16.82 -20.98
N LEU A 155 3.00 -16.45 -19.71
CA LEU A 155 3.84 -17.15 -18.73
C LEU A 155 3.04 -17.58 -17.48
N PRO A 156 3.50 -18.63 -16.77
CA PRO A 156 2.76 -19.09 -15.58
C PRO A 156 2.88 -18.10 -14.40
N TRP A 157 1.86 -18.08 -13.54
CA TRP A 157 1.87 -17.23 -12.35
C TRP A 157 3.08 -17.50 -11.44
N GLU A 158 3.47 -18.77 -11.34
CA GLU A 158 4.66 -19.16 -10.56
C GLU A 158 5.90 -18.37 -10.92
N GLY A 159 6.05 -18.08 -12.22
CA GLY A 159 7.17 -17.30 -12.74
C GLY A 159 7.32 -15.92 -12.14
N MET A 160 6.19 -15.29 -11.79
CA MET A 160 6.22 -13.96 -11.18
C MET A 160 6.95 -14.00 -9.83
N PHE A 161 6.68 -15.03 -9.04
CA PHE A 161 7.35 -15.21 -7.75
C PHE A 161 8.86 -15.49 -7.87
N VAL A 162 9.26 -16.19 -8.92
CA VAL A 162 10.69 -16.39 -9.21
C VAL A 162 11.35 -15.04 -9.51
N LEU A 163 10.66 -14.21 -10.29
CA LEU A 163 11.13 -12.86 -10.60
C LEU A 163 11.29 -11.96 -9.36
N PHE A 164 10.31 -12.00 -8.46
CA PHE A 164 10.39 -11.23 -7.20
C PHE A 164 11.60 -11.65 -6.36
N ALA A 165 11.82 -12.96 -6.26
CA ALA A 165 12.95 -13.51 -5.52
C ALA A 165 14.29 -13.06 -6.11
N ALA A 166 14.37 -13.04 -7.44
CA ALA A 166 15.61 -12.69 -8.16
C ALA A 166 16.02 -11.24 -7.97
N LEU A 167 15.04 -10.34 -8.10
CA LEU A 167 15.28 -8.90 -7.87
C LEU A 167 15.70 -8.61 -6.44
N ALA A 168 15.15 -9.36 -5.49
CA ALA A 168 15.51 -9.23 -4.08
C ALA A 168 16.91 -9.81 -3.76
N ALA A 169 17.34 -10.80 -4.56
CA ALA A 169 18.68 -11.38 -4.42
C ALA A 169 19.77 -10.36 -4.79
N ILE A 170 19.57 -9.71 -5.93
CA ILE A 170 20.43 -8.60 -6.37
C ILE A 170 20.52 -7.52 -5.28
N SER A 171 19.37 -7.21 -4.69
CA SER A 171 19.26 -6.22 -3.63
C SER A 171 20.02 -6.63 -2.36
N PHE A 172 19.94 -7.91 -2.00
CA PHE A 172 20.66 -8.46 -0.86
C PHE A 172 22.17 -8.21 -0.93
N PHE A 173 22.78 -8.55 -2.08
CA PHE A 173 24.22 -8.49 -2.23
C PHE A 173 24.79 -7.07 -2.18
N GLY A 174 24.05 -6.12 -2.75
CA GLY A 174 24.40 -4.70 -2.68
C GLY A 174 24.33 -4.16 -1.26
N LEU A 175 23.30 -4.57 -0.53
CA LEU A 175 23.13 -4.19 0.88
C LEU A 175 24.21 -4.83 1.77
N GLN A 176 24.59 -6.07 1.44
CA GLN A 176 25.63 -6.79 2.17
C GLN A 176 27.00 -6.12 2.09
N ARG A 177 27.25 -5.36 1.04
CA ARG A 177 28.56 -4.70 0.87
C ARG A 177 28.54 -3.19 1.11
N ALA A 178 27.37 -2.57 1.03
CA ALA A 178 27.27 -1.11 1.09
C ALA A 178 26.52 -0.52 2.30
N MET A 179 25.67 -1.29 2.95
CA MET A 179 24.94 -0.79 4.12
C MET A 179 25.85 -0.72 5.35
N PRO A 180 26.02 0.50 5.91
CA PRO A 180 26.78 0.62 7.14
C PRO A 180 25.91 0.30 8.36
N GLU A 181 26.53 0.01 9.49
CA GLU A 181 25.82 -0.12 10.74
C GLU A 181 25.65 1.25 11.39
N THR A 182 24.40 1.63 11.64
CA THR A 182 24.10 2.95 12.22
C THR A 182 23.24 2.89 13.49
N ALA A 183 22.86 1.68 13.90
CA ALA A 183 22.05 1.48 15.11
C ALA A 183 22.70 2.15 16.31
N THR A 184 21.91 2.94 17.03
CA THR A 184 22.43 3.78 18.11
C THR A 184 22.43 3.13 19.50
N ARG A 185 21.77 1.99 19.66
CA ARG A 185 21.62 1.36 20.99
C ARG A 185 22.01 -0.13 21.03
N ILE A 186 23.03 -0.49 20.25
CA ILE A 186 23.51 -1.87 20.19
C ILE A 186 23.94 -2.39 21.56
N GLY A 187 23.33 -3.51 21.98
CA GLY A 187 23.63 -4.14 23.26
C GLY A 187 22.57 -3.92 24.33
N GLU A 188 21.81 -2.83 24.22
CA GLU A 188 20.76 -2.50 25.18
C GLU A 188 19.60 -3.50 25.08
N LYS A 189 18.93 -3.75 26.21
CA LYS A 189 17.80 -4.68 26.25
C LYS A 189 16.51 -4.00 25.80
N LEU A 190 15.54 -4.82 25.38
CA LEU A 190 14.24 -4.34 24.91
C LEU A 190 13.11 -4.75 25.86
N SER A 191 12.37 -3.75 26.35
CA SER A 191 11.23 -3.99 27.21
C SER A 191 9.92 -3.87 26.42
N LEU A 192 9.22 -4.99 26.29
CA LEU A 192 7.95 -5.05 25.58
C LEU A 192 6.83 -4.34 26.34
N LYS A 193 6.99 -4.22 27.65
CA LYS A 193 6.04 -3.50 28.50
C LYS A 193 6.15 -1.99 28.23
N GLU A 194 7.38 -1.48 28.17
CA GLU A 194 7.63 -0.08 27.84
C GLU A 194 7.19 0.24 26.42
N LEU A 195 7.37 -0.72 25.51
CA LEU A 195 6.96 -0.56 24.11
C LEU A 195 5.44 -0.50 23.97
N GLY A 196 4.76 -1.43 24.63
CA GLY A 196 3.29 -1.47 24.63
C GLY A 196 2.65 -0.24 25.23
N ARG A 197 3.32 0.33 26.23
CA ARG A 197 2.89 1.56 26.89
C ARG A 197 3.05 2.77 25.98
N ASP A 198 4.10 2.77 25.16
CA ASP A 198 4.29 3.81 24.15
C ASP A 198 3.15 3.83 23.13
N TYR A 199 2.63 2.66 22.79
CA TYR A 199 1.50 2.57 21.85
C TYR A 199 0.15 2.97 22.45
N LYS A 200 -0.08 2.62 23.71
CA LYS A 200 -1.27 3.10 24.43
C LYS A 200 -1.25 4.63 24.51
N LEU A 201 -0.03 5.18 24.65
CA LEU A 201 0.18 6.61 24.73
C LEU A 201 -0.18 7.35 23.43
N VAL A 202 0.31 6.87 22.28
CA VAL A 202 -0.03 7.48 20.97
C VAL A 202 -1.52 7.39 20.64
N LEU A 203 -2.15 6.26 20.97
CA LEU A 203 -3.56 6.02 20.70
C LEU A 203 -4.50 6.84 21.57
N LYS A 204 -3.95 7.43 22.65
CA LYS A 204 -4.72 8.30 23.53
C LYS A 204 -4.93 9.68 22.89
N ASN A 205 -4.03 10.04 21.98
CA ASN A 205 -4.11 11.30 21.23
C ASN A 205 -5.22 11.26 20.16
N GLY A 206 -6.37 11.83 20.50
CA GLY A 206 -7.57 11.81 19.65
C GLY A 206 -7.44 12.41 18.26
N ARG A 207 -6.63 13.47 18.14
CA ARG A 207 -6.45 14.13 16.86
C ARG A 207 -5.53 13.31 15.94
N PHE A 208 -4.53 12.67 16.53
CA PHE A 208 -3.67 11.74 15.80
C PHE A 208 -4.45 10.56 15.23
N VAL A 209 -5.35 9.98 16.04
CA VAL A 209 -6.16 8.82 15.65
C VAL A 209 -7.13 9.17 14.52
N ALA A 210 -7.77 10.34 14.62
CA ALA A 210 -8.68 10.84 13.60
C ALA A 210 -7.97 10.97 12.25
N GLY A 211 -6.78 11.56 12.24
CA GLY A 211 -5.96 11.70 11.03
C GLY A 211 -5.54 10.35 10.46
N ALA A 212 -5.12 9.43 11.31
CA ALA A 212 -4.69 8.10 10.88
C ALA A 212 -5.84 7.25 10.35
N LEU A 213 -6.98 7.26 11.06
CA LEU A 213 -8.19 6.59 10.58
C LEU A 213 -8.65 7.16 9.22
N ALA A 214 -8.59 8.49 9.10
CA ALA A 214 -9.02 9.18 7.89
C ALA A 214 -8.19 8.77 6.67
N LEU A 215 -6.88 8.61 6.87
CA LEU A 215 -5.98 8.14 5.80
C LEU A 215 -6.39 6.74 5.32
N GLY A 216 -6.77 5.86 6.26
CA GLY A 216 -7.24 4.54 5.92
C GLY A 216 -8.54 4.60 5.12
N PHE A 217 -9.56 5.26 5.67
CA PHE A 217 -10.87 5.33 5.01
C PHE A 217 -10.79 5.92 3.59
N VAL A 218 -10.05 7.02 3.44
CA VAL A 218 -10.03 7.74 2.16
C VAL A 218 -9.31 6.97 1.03
N SER A 219 -8.35 6.13 1.41
CA SER A 219 -7.58 5.34 0.46
C SER A 219 -8.23 4.00 0.13
N LEU A 220 -9.14 3.55 0.99
CA LEU A 220 -9.82 2.25 0.83
C LEU A 220 -10.45 2.02 -0.57
N PRO A 221 -11.22 3.00 -1.11
CA PRO A 221 -11.80 2.80 -2.43
C PRO A 221 -10.75 2.47 -3.51
N LEU A 222 -9.61 3.16 -3.47
CA LEU A 222 -8.51 2.84 -4.37
C LEU A 222 -7.99 1.41 -4.17
N LEU A 223 -7.72 1.04 -2.92
CA LEU A 223 -7.21 -0.31 -2.61
C LEU A 223 -8.23 -1.42 -2.94
N ALA A 224 -9.50 -1.16 -2.65
CA ALA A 224 -10.58 -2.07 -3.04
C ALA A 224 -10.66 -2.28 -4.56
N TRP A 225 -10.45 -1.20 -5.32
CA TRP A 225 -10.38 -1.28 -6.78
C TRP A 225 -9.19 -2.12 -7.26
N ILE A 226 -8.01 -1.92 -6.67
CA ILE A 226 -6.85 -2.78 -6.99
C ILE A 226 -7.21 -4.25 -6.71
N ALA A 227 -7.80 -4.51 -5.54
CA ALA A 227 -8.13 -5.89 -5.13
C ALA A 227 -9.17 -6.60 -6.00
N GLN A 228 -10.17 -5.85 -6.45
CA GLN A 228 -11.37 -6.45 -7.05
C GLN A 228 -11.57 -6.19 -8.54
N SER A 229 -10.85 -5.22 -9.10
CA SER A 229 -11.04 -4.88 -10.52
C SER A 229 -10.90 -6.06 -11.50
N PRO A 230 -10.02 -7.05 -11.22
CA PRO A 230 -10.01 -8.23 -12.12
C PRO A 230 -11.36 -8.99 -12.17
N ILE A 231 -12.01 -9.18 -11.04
CA ILE A 231 -13.30 -9.88 -11.02
C ILE A 231 -14.49 -9.01 -11.44
N ILE A 232 -14.40 -7.72 -11.14
CA ILE A 232 -15.41 -6.76 -11.61
C ILE A 232 -15.42 -6.65 -13.15
N ILE A 233 -14.23 -6.49 -13.74
CA ILE A 233 -14.12 -6.20 -15.18
C ILE A 233 -14.23 -7.48 -16.04
N ILE A 234 -13.45 -8.49 -15.68
CA ILE A 234 -13.34 -9.70 -16.49
C ILE A 234 -14.49 -10.67 -16.24
N THR A 235 -14.75 -11.04 -14.99
CA THR A 235 -15.85 -11.96 -14.73
C THR A 235 -17.22 -11.28 -14.57
N GLY A 236 -17.24 -10.05 -14.08
CA GLY A 236 -18.48 -9.30 -13.88
C GLY A 236 -19.06 -8.69 -15.14
N GLU A 237 -18.23 -7.95 -15.88
CA GLU A 237 -18.69 -7.28 -17.10
C GLU A 237 -18.44 -8.10 -18.38
N GLN A 238 -17.71 -9.20 -18.25
CA GLN A 238 -17.40 -10.09 -19.38
C GLN A 238 -16.49 -9.41 -20.41
N LEU A 239 -15.61 -8.53 -19.94
CA LEU A 239 -14.68 -7.80 -20.79
C LEU A 239 -13.34 -8.54 -20.93
N SER A 240 -12.46 -8.02 -21.78
CA SER A 240 -11.16 -8.66 -22.02
C SER A 240 -10.07 -8.11 -21.12
N SER A 241 -8.96 -8.85 -21.06
CA SER A 241 -7.74 -8.43 -20.35
C SER A 241 -7.25 -7.06 -20.78
N TYR A 242 -7.40 -6.75 -22.07
CA TYR A 242 -6.94 -5.48 -22.62
C TYR A 242 -7.70 -4.29 -22.01
N GLU A 243 -9.02 -4.43 -21.91
CA GLU A 243 -9.86 -3.42 -21.28
C GLU A 243 -9.55 -3.26 -19.79
N TYR A 244 -9.36 -4.38 -19.08
CA TYR A 244 -8.91 -4.34 -17.69
C TYR A 244 -7.72 -3.39 -17.51
N GLY A 245 -6.71 -3.55 -18.37
CA GLY A 245 -5.49 -2.73 -18.32
C GLY A 245 -5.75 -1.28 -18.71
N LEU A 246 -6.57 -1.10 -19.73
CA LEU A 246 -6.89 0.23 -20.24
C LEU A 246 -7.54 1.08 -19.16
N LEU A 247 -8.48 0.50 -18.42
CA LEU A 247 -9.18 1.19 -17.34
C LEU A 247 -8.29 1.59 -16.16
N GLN A 248 -7.14 0.95 -16.02
CA GLN A 248 -6.16 1.36 -15.00
C GLN A 248 -5.52 2.71 -15.33
N VAL A 249 -5.44 3.04 -16.62
CA VAL A 249 -4.69 4.23 -17.06
C VAL A 249 -5.31 5.56 -16.58
N PRO A 250 -6.63 5.79 -16.85
CA PRO A 250 -7.18 7.04 -16.32
C PRO A 250 -7.16 7.13 -14.79
N ILE A 251 -7.26 5.99 -14.09
CA ILE A 251 -7.32 6.01 -12.63
C ILE A 251 -5.96 6.37 -12.01
N PHE A 252 -4.93 5.60 -12.33
CA PHE A 252 -3.61 5.82 -11.74
C PHE A 252 -2.84 6.98 -12.39
N GLY A 253 -3.22 7.35 -13.60
CA GLY A 253 -2.72 8.57 -14.24
C GLY A 253 -3.23 9.81 -13.53
N ALA A 254 -4.52 9.81 -13.19
CA ALA A 254 -5.11 10.90 -12.39
C ALA A 254 -4.40 11.07 -11.05
N LEU A 255 -4.07 9.95 -10.40
CA LEU A 255 -3.33 9.94 -9.15
C LEU A 255 -1.99 10.66 -9.34
N ILE A 256 -1.27 10.28 -10.40
CA ILE A 256 0.00 10.92 -10.73
C ILE A 256 -0.19 12.43 -11.00
N ALA A 257 -1.16 12.76 -11.85
CA ALA A 257 -1.50 14.16 -12.14
C ALA A 257 -1.77 14.96 -10.86
N GLY A 258 -2.50 14.35 -9.91
CA GLY A 258 -2.77 14.96 -8.61
C GLY A 258 -1.52 15.25 -7.80
N ASN A 259 -0.58 14.30 -7.80
CA ASN A 259 0.71 14.50 -7.14
C ASN A 259 1.61 15.57 -7.79
N LEU A 260 1.57 15.67 -9.12
CA LEU A 260 2.34 16.69 -9.83
C LEU A 260 1.82 18.10 -9.60
N LEU A 261 0.49 18.26 -9.57
CA LEU A 261 -0.13 19.53 -9.21
C LEU A 261 0.25 19.95 -7.79
N LEU A 262 0.29 18.96 -6.88
CA LEU A 262 0.70 19.18 -5.50
C LEU A 262 2.08 19.83 -5.42
N ALA A 263 3.03 19.30 -6.18
CA ALA A 263 4.40 19.83 -6.23
C ALA A 263 4.46 21.26 -6.77
N ARG A 264 3.61 21.58 -7.73
CA ARG A 264 3.57 22.91 -8.32
C ARG A 264 2.89 23.95 -7.43
N LEU A 265 2.00 23.49 -6.55
CA LEU A 265 1.20 24.39 -5.71
C LEU A 265 1.78 24.58 -4.31
N THR A 266 2.70 23.70 -3.92
CA THR A 266 3.18 23.63 -2.53
C THR A 266 3.81 24.92 -1.95
N SER A 267 4.46 25.73 -2.79
CA SER A 267 5.08 26.97 -2.30
C SER A 267 4.07 28.08 -1.99
N ARG A 268 2.87 27.97 -2.55
CA ARG A 268 1.83 29.00 -2.45
C ARG A 268 0.49 28.48 -1.89
N ARG A 269 0.51 27.29 -1.29
CA ARG A 269 -0.65 26.73 -0.59
C ARG A 269 -0.17 26.00 0.66
N THR A 270 -0.87 26.18 1.78
CA THR A 270 -0.59 25.40 2.97
C THR A 270 -1.11 23.97 2.81
N VAL A 271 -0.65 23.09 3.68
CA VAL A 271 -1.14 21.72 3.72
C VAL A 271 -2.66 21.65 3.89
N ARG A 272 -3.19 22.43 4.82
CA ARG A 272 -4.62 22.49 5.09
C ARG A 272 -5.47 22.84 3.86
N SER A 273 -5.06 23.84 3.08
CA SER A 273 -5.84 24.24 1.90
C SER A 273 -5.80 23.17 0.79
N LEU A 274 -4.70 22.43 0.70
CA LEU A 274 -4.60 21.34 -0.28
C LEU A 274 -5.52 20.14 0.05
N ILE A 275 -5.66 19.82 1.34
CA ILE A 275 -6.61 18.76 1.78
C ILE A 275 -8.04 19.13 1.40
N ILE A 276 -8.43 20.35 1.73
CA ILE A 276 -9.76 20.88 1.37
C ILE A 276 -9.99 20.93 -0.15
N MET A 277 -8.94 21.28 -0.90
CA MET A 277 -8.98 21.33 -2.36
C MET A 277 -9.24 19.94 -2.95
N GLY A 278 -8.52 18.93 -2.44
CA GLY A 278 -8.72 17.53 -2.86
C GLY A 278 -10.07 16.94 -2.49
N GLY A 279 -10.65 17.42 -1.40
CA GLY A 279 -11.95 16.94 -0.95
C GLY A 279 -13.07 17.05 -1.96
N TRP A 280 -13.03 18.09 -2.79
CA TRP A 280 -14.04 18.25 -3.86
C TRP A 280 -14.01 17.09 -4.86
N PRO A 281 -12.86 16.86 -5.55
CA PRO A 281 -12.81 15.69 -6.41
C PRO A 281 -12.96 14.33 -5.69
N ILE A 282 -12.48 14.22 -4.45
CA ILE A 282 -12.68 12.99 -3.68
C ILE A 282 -14.17 12.67 -3.53
N MET A 283 -14.94 13.67 -3.09
CA MET A 283 -16.36 13.46 -2.81
C MET A 283 -17.20 13.35 -4.09
N ILE A 284 -16.94 14.22 -5.06
CA ILE A 284 -17.67 14.20 -6.34
C ILE A 284 -17.42 12.89 -7.11
N GLY A 285 -16.14 12.48 -7.21
CA GLY A 285 -15.83 11.23 -7.86
C GLY A 285 -16.56 10.02 -7.31
N LEU A 286 -16.58 9.90 -5.98
CA LEU A 286 -17.24 8.76 -5.34
C LEU A 286 -18.77 8.83 -5.49
N LEU A 287 -19.33 10.04 -5.48
CA LEU A 287 -20.77 10.22 -5.72
C LEU A 287 -21.19 9.82 -7.14
N VAL A 288 -20.37 10.21 -8.12
CA VAL A 288 -20.60 9.89 -9.53
C VAL A 288 -20.63 8.37 -9.72
N ALA A 289 -19.60 7.69 -9.24
CA ALA A 289 -19.55 6.22 -9.33
C ALA A 289 -20.79 5.55 -8.74
N ALA A 290 -21.23 5.99 -7.56
CA ALA A 290 -22.35 5.38 -6.84
C ALA A 290 -23.69 5.64 -7.53
N ALA A 291 -23.96 6.90 -7.91
CA ALA A 291 -25.23 7.26 -8.56
C ALA A 291 -25.44 6.52 -9.87
N ALA A 292 -24.41 6.54 -10.73
CA ALA A 292 -24.44 5.88 -12.02
C ALA A 292 -24.72 4.37 -11.92
N THR A 293 -24.05 3.68 -11.01
CA THR A 293 -24.21 2.23 -10.92
C THR A 293 -25.47 1.77 -10.18
N VAL A 294 -26.05 2.65 -9.36
CA VAL A 294 -27.37 2.38 -8.79
C VAL A 294 -28.45 2.48 -9.87
N ILE A 295 -28.37 3.54 -10.68
CA ILE A 295 -29.26 3.73 -11.84
C ILE A 295 -29.12 2.58 -12.83
N SER A 296 -27.88 2.28 -13.20
CA SER A 296 -27.57 1.22 -14.16
C SER A 296 -26.40 0.39 -13.66
N SER A 297 -26.68 -0.86 -13.31
CA SER A 297 -25.70 -1.75 -12.70
C SER A 297 -24.43 -1.95 -13.54
N HIS A 298 -24.55 -1.81 -14.86
CA HIS A 298 -23.42 -2.10 -15.76
C HIS A 298 -22.70 -0.87 -16.32
N ALA A 299 -22.90 0.28 -15.68
CA ALA A 299 -22.30 1.53 -16.14
C ALA A 299 -20.84 1.67 -15.69
N TYR A 300 -20.00 0.73 -16.13
CA TYR A 300 -18.61 0.61 -15.68
C TYR A 300 -17.69 1.73 -16.16
N LEU A 301 -18.05 2.38 -17.27
CA LEU A 301 -17.32 3.54 -17.76
C LEU A 301 -17.55 4.78 -16.87
N TRP A 302 -18.79 4.93 -16.37
CA TRP A 302 -19.11 5.97 -15.37
C TRP A 302 -18.40 5.67 -14.05
N MET A 303 -18.36 4.40 -13.66
CA MET A 303 -17.62 3.96 -12.48
C MET A 303 -16.14 4.35 -12.58
N THR A 304 -15.53 4.11 -13.74
CA THR A 304 -14.12 4.41 -13.99
C THR A 304 -13.84 5.91 -13.98
N ALA A 305 -14.76 6.70 -14.53
CA ALA A 305 -14.63 8.16 -14.53
C ALA A 305 -14.69 8.72 -13.10
N GLY A 306 -15.66 8.21 -12.32
CA GLY A 306 -15.80 8.60 -10.92
C GLY A 306 -14.55 8.30 -10.10
N LEU A 307 -13.98 7.12 -10.30
CA LEU A 307 -12.76 6.72 -9.59
C LEU A 307 -11.51 7.52 -10.01
N SER A 308 -11.44 7.93 -11.26
CA SER A 308 -10.35 8.81 -11.73
C SER A 308 -10.42 10.19 -11.10
N ILE A 309 -11.63 10.75 -11.00
CA ILE A 309 -11.80 12.06 -10.36
C ILE A 309 -11.38 11.98 -8.89
N TYR A 310 -11.87 10.95 -8.20
CA TYR A 310 -11.48 10.68 -6.80
C TYR A 310 -9.96 10.47 -6.65
N ALA A 311 -9.36 9.72 -7.56
CA ALA A 311 -7.91 9.45 -7.51
C ALA A 311 -7.06 10.72 -7.64
N PHE A 312 -7.51 11.65 -8.48
CA PHE A 312 -6.89 12.96 -8.60
C PHE A 312 -6.87 13.71 -7.24
N GLY A 313 -7.98 13.63 -6.52
CA GLY A 313 -8.10 14.25 -5.19
C GLY A 313 -7.13 13.70 -4.16
N ILE A 314 -7.00 12.37 -4.14
CA ILE A 314 -6.05 11.66 -3.31
C ILE A 314 -4.61 12.14 -3.59
N GLY A 315 -4.24 12.24 -4.86
CA GLY A 315 -2.90 12.71 -5.25
C GLY A 315 -2.59 14.10 -4.70
N LEU A 316 -3.62 14.94 -4.67
CA LEU A 316 -3.49 16.30 -4.17
C LEU A 316 -3.52 16.40 -2.63
N ALA A 317 -4.33 15.57 -1.98
CA ALA A 317 -4.60 15.73 -0.54
C ALA A 317 -3.83 14.81 0.41
N ASN A 318 -3.41 13.63 -0.06
CA ASN A 318 -2.88 12.61 0.87
C ASN A 318 -1.56 12.91 1.57
N ALA A 319 -0.54 13.30 0.81
CA ALA A 319 0.79 13.61 1.37
C ALA A 319 0.73 14.67 2.47
N GLY A 320 -0.17 15.63 2.31
CA GLY A 320 -0.36 16.68 3.31
C GLY A 320 -0.98 16.15 4.59
N LEU A 321 -1.98 15.28 4.45
CA LEU A 321 -2.57 14.63 5.61
C LEU A 321 -1.60 13.67 6.32
N VAL A 322 -0.71 13.02 5.56
CA VAL A 322 0.36 12.23 6.16
C VAL A 322 1.22 13.11 7.08
N ARG A 323 1.70 14.24 6.54
CA ARG A 323 2.54 15.17 7.29
C ARG A 323 1.88 15.69 8.57
N LEU A 324 0.64 16.15 8.46
CA LEU A 324 -0.11 16.64 9.62
C LEU A 324 -0.41 15.57 10.66
N THR A 325 -0.66 14.35 10.22
CA THR A 325 -0.89 13.21 11.15
C THR A 325 0.41 12.90 11.90
N LEU A 326 1.52 12.88 11.16
CA LEU A 326 2.85 12.67 11.76
C LEU A 326 3.22 13.67 12.86
N PHE A 327 2.83 14.92 12.69
CA PHE A 327 3.16 15.95 13.66
C PHE A 327 2.02 16.29 14.62
N ALA A 328 0.93 15.53 14.55
CA ALA A 328 -0.18 15.64 15.49
C ALA A 328 0.18 15.01 16.85
N SER A 329 1.19 14.15 16.84
CA SER A 329 1.73 13.56 18.06
C SER A 329 3.19 13.98 18.28
N ASP A 330 3.52 14.32 19.52
CA ASP A 330 4.87 14.78 19.87
C ASP A 330 5.82 13.63 20.24
N MET A 331 5.35 12.40 20.14
CA MET A 331 6.18 11.24 20.45
C MET A 331 7.19 10.91 19.35
N SER A 332 8.16 10.05 19.69
CA SER A 332 9.20 9.60 18.76
C SER A 332 8.61 9.13 17.44
N LYS A 333 9.20 9.60 16.34
CA LYS A 333 8.66 9.38 15.00
C LYS A 333 8.62 7.92 14.56
N GLY A 334 9.51 7.10 15.12
CA GLY A 334 9.46 5.65 14.92
C GLY A 334 8.13 5.05 15.36
N THR A 335 7.70 5.40 16.57
CA THR A 335 6.44 4.90 17.16
C THR A 335 5.22 5.46 16.43
N VAL A 336 5.26 6.75 16.08
CA VAL A 336 4.16 7.42 15.40
C VAL A 336 3.89 6.84 14.00
N SER A 337 4.96 6.69 13.21
CA SER A 337 4.88 6.13 11.86
C SER A 337 4.31 4.71 11.85
N ALA A 338 4.81 3.90 12.77
CA ALA A 338 4.38 2.50 12.86
C ALA A 338 2.90 2.41 13.26
N ALA A 339 2.48 3.29 14.17
CA ALA A 339 1.10 3.32 14.63
C ALA A 339 0.12 3.73 13.53
N MET A 340 0.46 4.80 12.80
CA MET A 340 -0.40 5.24 11.69
C MET A 340 -0.39 4.23 10.54
N GLY A 341 0.75 3.59 10.30
CA GLY A 341 0.82 2.48 9.35
C GLY A 341 -0.06 1.28 9.68
N MET A 342 -0.17 0.94 10.96
CA MET A 342 -0.96 -0.22 11.38
C MET A 342 -2.46 0.06 11.41
N LEU A 343 -2.83 1.28 11.79
CA LEU A 343 -4.22 1.71 11.78
C LEU A 343 -4.81 1.74 10.37
N GLN A 344 -4.05 2.21 9.39
CA GLN A 344 -4.57 2.25 8.02
C GLN A 344 -4.66 0.86 7.36
N MET A 345 -3.72 -0.02 7.68
CA MET A 345 -3.78 -1.40 7.17
C MET A 345 -4.91 -2.24 7.79
N LEU A 346 -5.26 -1.95 9.03
CA LEU A 346 -6.45 -2.51 9.68
C LEU A 346 -7.73 -2.19 8.90
N ILE A 347 -7.84 -0.95 8.43
CA ILE A 347 -8.98 -0.51 7.62
C ILE A 347 -8.94 -1.15 6.25
N PHE A 348 -7.74 -1.26 5.66
CA PHE A 348 -7.59 -1.83 4.33
C PHE A 348 -8.01 -3.30 4.29
N THR A 349 -7.53 -4.07 5.26
CA THR A 349 -7.83 -5.50 5.32
C THR A 349 -9.32 -5.77 5.56
N VAL A 350 -9.88 -5.13 6.58
CA VAL A 350 -11.30 -5.31 6.89
C VAL A 350 -12.19 -4.76 5.78
N GLY A 351 -11.81 -3.60 5.26
CA GLY A 351 -12.57 -2.92 4.20
C GLY A 351 -12.65 -3.66 2.88
N ILE A 352 -11.53 -4.25 2.47
CA ILE A 352 -11.52 -5.05 1.23
C ILE A 352 -12.48 -6.24 1.34
N GLU A 353 -12.47 -6.92 2.50
CA GLU A 353 -13.36 -8.06 2.74
C GLU A 353 -14.85 -7.68 2.75
N ILE A 354 -15.19 -6.54 3.36
CA ILE A 354 -16.56 -6.01 3.31
C ILE A 354 -16.93 -5.66 1.87
N SER A 355 -16.00 -5.00 1.19
CA SER A 355 -16.16 -4.61 -0.21
C SER A 355 -16.47 -5.83 -1.12
N LYS A 356 -15.75 -6.92 -0.84
CA LYS A 356 -15.96 -8.19 -1.53
C LYS A 356 -17.40 -8.73 -1.39
N HIS A 357 -17.91 -8.77 -0.16
CA HIS A 357 -19.28 -9.23 0.08
C HIS A 357 -20.31 -8.28 -0.51
N ALA A 358 -20.05 -6.98 -0.42
CA ALA A 358 -20.92 -5.98 -1.04
C ALA A 358 -21.05 -6.25 -2.54
N TRP A 359 -19.92 -6.42 -3.24
CA TRP A 359 -19.96 -6.76 -4.67
C TRP A 359 -20.63 -8.11 -5.01
N LEU A 360 -20.35 -9.15 -4.23
CA LEU A 360 -20.91 -10.49 -4.48
C LEU A 360 -22.44 -10.54 -4.31
N ASN A 361 -22.95 -9.74 -3.39
CA ASN A 361 -24.38 -9.75 -3.09
C ASN A 361 -25.21 -8.73 -3.87
N GLY A 362 -24.57 -7.66 -4.32
CA GLY A 362 -25.32 -6.55 -4.94
C GLY A 362 -24.67 -5.87 -6.13
N GLY A 363 -23.56 -6.41 -6.61
CA GLY A 363 -22.91 -5.92 -7.82
C GLY A 363 -22.23 -4.57 -7.67
N ASN A 364 -22.03 -3.90 -8.81
CA ASN A 364 -21.30 -2.65 -8.88
C ASN A 364 -21.92 -1.53 -8.04
N GLY A 365 -23.25 -1.47 -8.02
CA GLY A 365 -23.98 -0.52 -7.18
C GLY A 365 -23.53 -0.55 -5.72
N LEU A 366 -23.58 -1.73 -5.10
CA LEU A 366 -23.12 -1.91 -3.71
C LEU A 366 -21.63 -1.64 -3.52
N PHE A 367 -20.82 -2.11 -4.46
CA PHE A 367 -19.38 -1.86 -4.42
C PHE A 367 -19.13 -0.35 -4.27
N ASN A 368 -19.71 0.43 -5.17
CA ASN A 368 -19.56 1.89 -5.18
C ASN A 368 -20.27 2.62 -4.03
N LEU A 369 -21.43 2.11 -3.59
CA LEU A 369 -22.06 2.67 -2.40
C LEU A 369 -21.18 2.56 -1.16
N PHE A 370 -20.49 1.41 -1.01
CA PHE A 370 -19.61 1.21 0.14
C PHE A 370 -18.37 2.12 0.08
N ASN A 371 -17.83 2.29 -1.13
CA ASN A 371 -16.77 3.29 -1.32
C ASN A 371 -17.22 4.71 -0.93
N LEU A 372 -18.46 5.06 -1.27
CA LEU A 372 -19.01 6.37 -0.91
C LEU A 372 -19.05 6.60 0.61
N VAL A 373 -19.49 5.61 1.39
CA VAL A 373 -19.50 5.78 2.85
C VAL A 373 -18.10 5.97 3.44
N ASN A 374 -17.12 5.28 2.87
CA ASN A 374 -15.72 5.49 3.26
C ASN A 374 -15.25 6.93 3.03
N GLY A 375 -15.65 7.51 1.89
CA GLY A 375 -15.41 8.92 1.59
C GLY A 375 -16.09 9.84 2.60
N ILE A 376 -17.34 9.52 2.94
CA ILE A 376 -18.08 10.25 3.97
C ILE A 376 -17.41 10.17 5.34
N LEU A 377 -16.83 9.02 5.69
CA LEU A 377 -16.12 8.89 6.96
C LEU A 377 -14.82 9.69 6.98
N TRP A 378 -14.10 9.73 5.86
CA TRP A 378 -12.93 10.62 5.73
C TRP A 378 -13.35 12.08 5.96
N LEU A 379 -14.40 12.50 5.27
CA LEU A 379 -14.89 13.88 5.33
C LEU A 379 -15.32 14.27 6.75
N SER A 380 -16.04 13.35 7.41
CA SER A 380 -16.46 13.51 8.80
C SER A 380 -15.27 13.76 9.72
N LEU A 381 -14.19 12.99 9.53
CA LEU A 381 -13.00 13.15 10.35
C LEU A 381 -12.24 14.46 10.09
N MET A 382 -12.24 14.91 8.83
CA MET A 382 -11.58 16.17 8.46
C MET A 382 -12.29 17.41 9.03
N VAL A 383 -13.62 17.37 9.12
CA VAL A 383 -14.35 18.47 9.76
C VAL A 383 -13.84 18.67 11.21
N ILE A 384 -13.57 17.58 11.90
CA ILE A 384 -13.01 17.64 13.24
C ILE A 384 -11.49 17.93 13.21
N PHE A 385 -10.74 17.12 12.46
CA PHE A 385 -9.27 17.20 12.41
C PHE A 385 -8.76 18.59 12.03
N LEU A 386 -9.37 19.18 11.00
CA LEU A 386 -8.99 20.52 10.56
C LEU A 386 -9.75 21.54 11.40
N LYS A 387 -9.07 22.62 11.77
CA LYS A 387 -9.58 23.55 12.78
C LYS A 387 -9.32 25.00 12.38
C1 CLM B . -1.72 5.08 -1.94
CL1 CLM B . -2.88 5.54 -0.65
CL2 CLM B . -0.49 6.36 -2.19
C2 CLM B . -1.07 3.75 -1.60
O2 CLM B . -1.54 2.74 -2.10
N2 CLM B . 0.00 3.73 -0.80
C3 CLM B . -0.03 3.84 0.66
C4 CLM B . 1.32 4.30 1.21
O4 CLM B . 2.40 4.09 0.23
C5 CLM B . -0.56 2.56 1.35
O5 CLM B . -0.37 2.66 2.78
C6 CLM B . 0.05 1.29 0.85
C7 CLM B . -0.64 0.55 -0.11
C8 CLM B . -0.10 -0.65 -0.59
C9 CLM B . 1.12 -1.11 -0.10
N9 CLM B . 1.66 -2.31 -0.58
O9A CLM B . 3.02 -2.39 -0.91
O9B CLM B . 0.96 -3.29 -0.71
C10 CLM B . 1.82 -0.37 0.88
C11 CLM B . 1.27 0.82 1.35
PR PR C . 10.91 4.02 25.57
PR PR D . 7.19 3.52 28.60
#